data_4P6Q
#
_entry.id   4P6Q
#
_cell.length_a   60.670
_cell.length_b   69.710
_cell.length_c   88.920
_cell.angle_alpha   90.00
_cell.angle_beta   90.00
_cell.angle_gamma   90.00
#
_symmetry.space_group_name_H-M   'P 21 21 21'
#
loop_
_entity.id
_entity.type
_entity.pdbx_description
1 polymer 'Msx2-interacting protein'
2 non-polymer 'SULFATE ION'
3 water water
#
_entity_poly.entity_id   1
_entity_poly.type   'polypeptide(L)'
_entity_poly.pdbx_seq_one_letter_code
;FGIKVQNLPVRSTDTSLKDGLFHEFKKFGKVTSVQIHGTSEERYGLVFFRQQEDQEKALTASKGKLFFGMQIEVTAWIGP
ETESENEFRPLDERIDEFHPKATRTLFIGNLEKTTTYHDLRNIFQRFGEIVDIDIKKVNGVPQYAFLQYCDIASVCKAIK
KMDGEYLGNNRLKLGFGKSMPTNCVWLDGLSSNVSDQYLTRHFCRYGPVVKVVFDRLKGMALVLYNEIEYAQAAVKETKG
RKIGGNKIKVDFANRESQLAFYHCMEKSGQDIRDFYEMLAERREER
;
_entity_poly.pdbx_strand_id   A
#
loop_
_chem_comp.id
_chem_comp.type
_chem_comp.name
_chem_comp.formula
SO4 non-polymer 'SULFATE ION' 'O4 S -2'
#
# COMPACT_ATOMS: atom_id res chain seq x y z
N PHE A 1 -18.20 22.76 8.31
CA PHE A 1 -19.00 23.92 7.96
C PHE A 1 -18.27 24.84 6.98
N GLY A 2 -17.11 24.40 6.51
CA GLY A 2 -16.31 25.19 5.58
C GLY A 2 -16.23 24.56 4.22
N ILE A 3 -15.90 25.39 3.22
CA ILE A 3 -15.50 24.88 1.92
C ILE A 3 -14.11 25.37 1.58
N LYS A 4 -13.42 24.62 0.72
CA LYS A 4 -12.08 24.97 0.30
C LYS A 4 -12.13 25.33 -1.18
N VAL A 5 -11.64 26.52 -1.52
CA VAL A 5 -11.77 26.99 -2.89
C VAL A 5 -10.40 27.07 -3.55
N GLN A 6 -10.20 26.26 -4.59
CA GLN A 6 -8.93 26.17 -5.28
C GLN A 6 -8.97 26.68 -6.71
N ASN A 7 -7.81 26.99 -7.24
CA ASN A 7 -7.63 27.49 -8.61
C ASN A 7 -8.08 28.93 -8.67
N LEU A 8 -7.41 29.77 -7.88
CA LEU A 8 -7.70 31.19 -7.84
C LEU A 8 -6.68 31.88 -8.76
N PRO A 9 -7.07 33.03 -9.34
CA PRO A 9 -6.15 33.75 -10.23
C PRO A 9 -4.93 34.31 -9.52
N VAL A 10 -3.75 34.09 -10.08
CA VAL A 10 -2.50 34.48 -9.42
C VAL A 10 -2.23 35.97 -9.47
N ARG A 11 -2.91 36.69 -10.36
CA ARG A 11 -2.70 38.13 -10.44
C ARG A 11 -3.50 38.91 -9.39
N SER A 12 -4.49 38.27 -8.77
CA SER A 12 -5.29 38.91 -7.72
C SER A 12 -4.54 38.95 -6.39
N THR A 13 -4.76 40.01 -5.62
CA THR A 13 -4.22 40.10 -4.26
C THR A 13 -5.02 39.22 -3.31
N ASP A 14 -4.43 38.90 -2.16
CA ASP A 14 -5.13 38.12 -1.14
C ASP A 14 -6.41 38.82 -0.72
N THR A 15 -6.31 40.11 -0.43
CA THR A 15 -7.46 40.89 -0.01
C THR A 15 -8.59 40.86 -1.05
N SER A 16 -8.24 41.05 -2.34
CA SER A 16 -9.23 41.02 -3.41
C SER A 16 -10.02 39.71 -3.37
N LEU A 17 -9.28 38.60 -3.25
CA LEU A 17 -9.88 37.27 -3.23
C LEU A 17 -10.75 37.07 -2.00
N LYS A 18 -10.24 37.46 -0.84
CA LYS A 18 -11.00 37.39 0.41
C LYS A 18 -12.36 38.08 0.27
N ASP A 19 -12.33 39.33 -0.18
CA ASP A 19 -13.57 40.08 -0.39
C ASP A 19 -14.46 39.43 -1.44
N GLY A 20 -13.86 38.99 -2.55
CA GLY A 20 -14.61 38.34 -3.62
C GLY A 20 -15.27 37.05 -3.18
N LEU A 21 -14.51 36.20 -2.50
CA LEU A 21 -15.06 34.95 -1.98
C LEU A 21 -16.22 35.21 -1.00
N PHE A 22 -16.04 36.18 -0.11
CA PHE A 22 -17.11 36.54 0.81
C PHE A 22 -18.36 36.96 0.04
N HIS A 23 -18.20 37.87 -0.91
CA HIS A 23 -19.33 38.37 -1.68
C HIS A 23 -20.01 37.26 -2.49
N GLU A 24 -19.22 36.34 -3.03
CA GLU A 24 -19.80 35.25 -3.80
C GLU A 24 -20.54 34.24 -2.91
N PHE A 25 -19.92 33.85 -1.81
CA PHE A 25 -20.45 32.73 -1.03
C PHE A 25 -21.45 33.08 0.06
N LYS A 26 -21.59 34.37 0.37
CA LYS A 26 -22.58 34.79 1.36
C LYS A 26 -23.99 34.63 0.81
N LYS A 27 -24.09 34.40 -0.50
CA LYS A 27 -25.38 34.19 -1.15
C LYS A 27 -26.04 32.88 -0.74
N PHE A 28 -25.23 31.94 -0.25
CA PHE A 28 -25.72 30.62 0.11
C PHE A 28 -26.17 30.54 1.57
N GLY A 29 -25.82 31.55 2.35
CA GLY A 29 -26.17 31.58 3.76
C GLY A 29 -25.16 32.46 4.48
N LYS A 30 -25.32 32.58 5.79
CA LYS A 30 -24.41 33.42 6.58
C LYS A 30 -23.00 32.82 6.64
N VAL A 31 -22.01 33.65 6.30
CA VAL A 31 -20.61 33.25 6.22
C VAL A 31 -19.86 33.74 7.46
N THR A 32 -19.11 32.84 8.06
CA THR A 32 -18.51 33.07 9.39
C THR A 32 -17.13 33.71 9.30
N SER A 33 -16.33 33.25 8.34
CA SER A 33 -14.97 33.73 8.16
C SER A 33 -14.50 33.37 6.76
N VAL A 34 -13.58 34.16 6.22
CA VAL A 34 -12.92 33.82 4.97
C VAL A 34 -11.43 33.98 5.13
N GLN A 35 -10.70 32.91 4.82
CA GLN A 35 -9.25 32.94 4.94
C GLN A 35 -8.62 32.68 3.59
N ILE A 36 -7.54 33.40 3.31
CA ILE A 36 -6.72 33.10 2.16
C ILE A 36 -5.40 32.48 2.64
N HIS A 37 -5.05 31.34 2.07
CA HIS A 37 -3.76 30.73 2.36
C HIS A 37 -3.00 30.58 1.06
N GLY A 38 -1.92 31.35 0.93
CA GLY A 38 -1.15 31.41 -0.30
C GLY A 38 -0.47 30.10 -0.61
N THR A 39 0.38 30.07 -1.63
CA THR A 39 0.64 31.24 -2.46
C THR A 39 0.62 30.82 -3.93
N SER A 40 0.63 31.81 -4.83
CA SER A 40 0.62 31.56 -6.26
C SER A 40 -0.50 30.60 -6.67
N GLU A 41 -0.14 29.39 -7.11
CA GLU A 41 -1.15 28.46 -7.58
C GLU A 41 -1.60 27.44 -6.54
N GLU A 42 -0.86 27.33 -5.44
CA GLU A 42 -1.31 26.53 -4.31
C GLU A 42 -2.25 27.38 -3.46
N ARG A 43 -2.41 28.64 -3.86
CA ARG A 43 -3.24 29.59 -3.14
C ARG A 43 -4.69 29.12 -3.14
N TYR A 44 -5.31 29.12 -1.97
CA TYR A 44 -6.68 28.68 -1.84
C TYR A 44 -7.43 29.47 -0.79
N GLY A 45 -8.75 29.40 -0.86
CA GLY A 45 -9.56 30.11 0.11
C GLY A 45 -10.29 29.10 0.98
N LEU A 46 -10.61 29.51 2.20
CA LEU A 46 -11.55 28.78 3.02
C LEU A 46 -12.72 29.69 3.28
N VAL A 47 -13.92 29.21 3.00
CA VAL A 47 -15.13 29.93 3.37
C VAL A 47 -15.88 29.10 4.39
N PHE A 48 -16.14 29.67 5.56
CA PHE A 48 -16.83 28.95 6.63
C PHE A 48 -18.26 29.43 6.82
N PHE A 49 -19.19 28.48 6.92
CA PHE A 49 -20.60 28.81 7.04
C PHE A 49 -21.13 28.58 8.45
N ARG A 50 -22.08 29.40 8.85
CA ARG A 50 -22.71 29.22 10.16
C ARG A 50 -23.48 27.90 10.23
N GLN A 51 -24.20 27.58 9.16
CA GLN A 51 -24.99 26.35 9.13
C GLN A 51 -24.45 25.37 8.09
N GLN A 52 -24.50 24.09 8.42
CA GLN A 52 -24.00 23.07 7.51
C GLN A 52 -24.91 22.94 6.28
N GLU A 53 -26.18 23.25 6.44
CA GLU A 53 -27.13 23.28 5.33
C GLU A 53 -26.63 24.21 4.23
N ASP A 54 -26.08 25.35 4.64
CA ASP A 54 -25.53 26.37 3.72
C ASP A 54 -24.29 25.88 3.01
N GLN A 55 -23.40 25.24 3.76
CA GLN A 55 -22.19 24.66 3.17
C GLN A 55 -22.58 23.68 2.08
N GLU A 56 -23.56 22.83 2.36
CA GLU A 56 -24.01 21.83 1.39
C GLU A 56 -24.61 22.48 0.14
N LYS A 57 -25.41 23.53 0.35
CA LYS A 57 -25.98 24.30 -0.75
C LYS A 57 -24.85 24.83 -1.62
N ALA A 58 -23.83 25.41 -0.99
CA ALA A 58 -22.71 25.99 -1.71
C ALA A 58 -21.87 24.95 -2.44
N LEU A 59 -21.67 23.78 -1.84
CA LEU A 59 -20.92 22.72 -2.52
C LEU A 59 -21.67 22.23 -3.75
N THR A 60 -22.95 21.94 -3.56
CA THR A 60 -23.80 21.38 -4.61
C THR A 60 -23.96 22.35 -5.78
N ALA A 61 -24.00 23.64 -5.46
CA ALA A 61 -24.29 24.66 -6.47
C ALA A 61 -23.05 25.21 -7.17
N SER A 62 -21.87 24.91 -6.65
CA SER A 62 -20.66 25.49 -7.22
C SER A 62 -19.83 24.53 -8.08
N LYS A 63 -20.43 23.42 -8.48
CA LYS A 63 -19.78 22.53 -9.43
C LYS A 63 -19.72 23.26 -10.78
N GLY A 64 -18.50 23.38 -11.32
CA GLY A 64 -18.29 24.11 -12.55
C GLY A 64 -18.58 25.61 -12.45
N LYS A 65 -18.44 26.17 -11.25
CA LYS A 65 -18.70 27.59 -11.06
C LYS A 65 -17.54 28.46 -11.53
N LEU A 66 -17.86 29.58 -12.18
CA LEU A 66 -16.86 30.53 -12.62
C LEU A 66 -16.67 31.60 -11.56
N PHE A 67 -15.42 31.89 -11.22
CA PHE A 67 -15.12 32.87 -10.18
C PHE A 67 -13.86 33.60 -10.59
N PHE A 68 -13.95 34.93 -10.70
CA PHE A 68 -12.83 35.75 -11.17
C PHE A 68 -12.25 35.21 -12.48
N GLY A 69 -13.11 34.70 -13.35
CA GLY A 69 -12.68 34.17 -14.62
C GLY A 69 -12.25 32.72 -14.59
N MET A 70 -12.04 32.17 -13.39
CA MET A 70 -11.51 30.81 -13.23
C MET A 70 -12.61 29.82 -12.90
N GLN A 71 -12.51 28.61 -13.45
CA GLN A 71 -13.38 27.53 -13.02
C GLN A 71 -12.78 27.03 -11.73
N ILE A 72 -13.36 27.44 -10.59
CA ILE A 72 -12.79 27.10 -9.30
C ILE A 72 -13.19 25.69 -8.93
N GLU A 73 -12.32 25.01 -8.18
CA GLU A 73 -12.65 23.70 -7.62
C GLU A 73 -12.99 23.87 -6.15
N VAL A 74 -14.22 23.52 -5.78
CA VAL A 74 -14.63 23.73 -4.41
C VAL A 74 -15.06 22.41 -3.78
N THR A 75 -14.49 22.15 -2.61
CA THR A 75 -14.70 20.87 -1.92
C THR A 75 -14.95 21.15 -0.44
N ALA A 76 -15.57 20.19 0.23
CA ALA A 76 -15.78 20.27 1.67
C ALA A 76 -14.44 20.39 2.36
N TRP A 77 -14.35 21.27 3.35
CA TRP A 77 -13.15 21.32 4.20
C TRP A 77 -13.35 20.33 5.33
N ILE A 78 -12.48 19.33 5.39
CA ILE A 78 -12.66 18.21 6.31
C ILE A 78 -12.24 18.56 7.74
N GLY A 79 -13.17 18.42 8.68
CA GLY A 79 -12.87 18.58 10.09
C GLY A 79 -12.10 17.38 10.59
N PRO A 80 -11.45 17.50 11.76
CA PRO A 80 -10.56 16.46 12.28
C PRO A 80 -11.24 15.11 12.56
N GLU A 81 -12.50 15.12 12.99
CA GLU A 81 -13.20 13.87 13.31
C GLU A 81 -13.62 13.14 12.03
N THR A 82 -14.14 13.88 11.06
CA THR A 82 -14.49 13.29 9.76
C THR A 82 -13.24 12.73 9.09
N GLU A 83 -12.12 13.43 9.20
CA GLU A 83 -10.87 12.97 8.62
C GLU A 83 -10.38 11.70 9.30
N SER A 84 -10.49 11.68 10.63
CA SER A 84 -10.16 10.48 11.39
C SER A 84 -11.01 9.31 10.90
N GLU A 85 -12.30 9.56 10.66
CA GLU A 85 -13.18 8.55 10.09
C GLU A 85 -12.70 8.16 8.71
N ASN A 86 -12.37 9.16 7.90
CA ASN A 86 -11.81 8.93 6.56
C ASN A 86 -10.54 8.09 6.61
N GLU A 87 -9.60 8.52 7.43
CA GLU A 87 -8.28 7.90 7.45
C GLU A 87 -8.24 6.60 8.26
N PHE A 88 -9.26 6.34 9.09
CA PHE A 88 -9.20 5.16 9.96
C PHE A 88 -10.42 4.26 10.03
N ARG A 89 -11.43 4.47 9.20
CA ARG A 89 -12.64 3.64 9.27
C ARG A 89 -12.28 2.18 8.99
N PRO A 90 -13.06 1.24 9.55
CA PRO A 90 -12.79 -0.19 9.38
C PRO A 90 -12.58 -0.57 7.92
N LEU A 91 -11.62 -1.44 7.69
CA LEU A 91 -11.27 -1.87 6.35
C LEU A 91 -12.41 -2.68 5.75
N ASP A 92 -12.62 -2.51 4.44
CA ASP A 92 -13.68 -3.20 3.72
C ASP A 92 -13.47 -4.72 3.76
N GLU A 93 -14.51 -5.45 4.16
CA GLU A 93 -14.43 -6.91 4.32
C GLU A 93 -14.03 -7.67 3.05
N ARG A 94 -14.15 -7.01 1.90
CA ARG A 94 -13.68 -7.56 0.64
C ARG A 94 -12.17 -7.77 0.69
N ILE A 95 -11.52 -7.02 1.57
CA ILE A 95 -10.07 -7.10 1.74
C ILE A 95 -9.63 -8.35 2.51
N ASP A 96 -9.19 -9.35 1.77
CA ASP A 96 -8.61 -10.56 2.36
C ASP A 96 -7.33 -10.90 1.61
N GLU A 97 -6.84 -12.12 1.79
CA GLU A 97 -5.57 -12.55 1.22
C GLU A 97 -5.54 -12.59 -0.31
N PHE A 98 -6.70 -12.60 -0.94
CA PHE A 98 -6.77 -12.81 -2.39
C PHE A 98 -7.00 -11.52 -3.17
N HIS A 99 -7.19 -10.43 -2.45
CA HIS A 99 -7.36 -9.10 -3.04
C HIS A 99 -6.16 -8.73 -3.92
N PRO A 100 -6.40 -8.13 -5.10
CA PRO A 100 -5.34 -7.79 -6.04
C PRO A 100 -4.25 -6.86 -5.46
N LYS A 101 -4.55 -6.21 -4.35
CA LYS A 101 -3.56 -5.34 -3.73
C LYS A 101 -2.84 -6.02 -2.58
N ALA A 102 -3.31 -7.21 -2.19
CA ALA A 102 -2.73 -7.91 -1.03
C ALA A 102 -1.34 -8.39 -1.39
N THR A 103 -0.41 -8.21 -0.46
CA THR A 103 0.97 -8.66 -0.63
C THR A 103 1.48 -9.10 0.74
N ARG A 104 2.71 -9.60 0.76
CA ARG A 104 3.33 -9.99 2.04
C ARG A 104 3.92 -8.80 2.75
N THR A 105 3.78 -7.61 2.17
CA THR A 105 4.41 -6.44 2.75
C THR A 105 3.42 -5.51 3.43
N LEU A 106 3.67 -5.26 4.71
CA LEU A 106 2.91 -4.30 5.50
C LEU A 106 3.49 -2.90 5.34
N PHE A 107 2.66 -1.98 4.87
CA PHE A 107 3.03 -0.57 4.87
C PHE A 107 2.63 0.02 6.20
N ILE A 108 3.57 0.65 6.87
CA ILE A 108 3.32 1.24 8.16
C ILE A 108 3.58 2.74 8.02
N GLY A 109 2.51 3.51 7.88
CA GLY A 109 2.64 4.94 7.67
C GLY A 109 2.43 5.76 8.94
N ASN A 110 2.83 7.02 8.91
CA ASN A 110 2.64 7.95 10.02
C ASN A 110 3.52 7.70 11.24
N LEU A 111 4.71 7.15 11.00
CA LEU A 111 5.65 6.88 12.09
C LEU A 111 6.14 8.18 12.67
N GLU A 112 6.45 8.19 13.97
CA GLU A 112 7.05 9.39 14.53
C GLU A 112 8.57 9.31 14.35
N LYS A 113 9.23 10.46 14.50
CA LYS A 113 10.65 10.59 14.20
C LYS A 113 11.49 9.59 14.97
N THR A 114 11.09 9.33 16.20
CA THR A 114 11.89 8.55 17.13
C THR A 114 11.63 7.06 17.00
N THR A 115 10.81 6.67 16.02
CA THR A 115 10.43 5.28 15.86
C THR A 115 11.66 4.41 15.64
N THR A 116 11.69 3.27 16.31
CA THR A 116 12.84 2.40 16.22
C THR A 116 12.45 1.02 15.65
N TYR A 117 13.43 0.29 15.12
CA TYR A 117 13.16 -1.06 14.63
C TYR A 117 12.67 -1.96 15.75
N HIS A 118 13.21 -1.76 16.95
CA HIS A 118 12.81 -2.52 18.12
C HIS A 118 11.32 -2.31 18.45
N ASP A 119 10.83 -1.08 18.30
CA ASP A 119 9.42 -0.77 18.53
C ASP A 119 8.55 -1.54 17.55
N LEU A 120 8.93 -1.48 16.28
CA LEU A 120 8.14 -2.14 15.24
C LEU A 120 8.14 -3.65 15.42
N ARG A 121 9.30 -4.24 15.71
CA ARG A 121 9.31 -5.68 15.94
C ARG A 121 8.44 -6.01 17.16
N ASN A 122 8.54 -5.18 18.19
CA ASN A 122 7.79 -5.42 19.41
C ASN A 122 6.28 -5.50 19.17
N ILE A 123 5.75 -4.60 18.35
CA ILE A 123 4.33 -4.68 18.05
C ILE A 123 3.98 -5.71 16.98
N PHE A 124 4.80 -5.82 15.93
CA PHE A 124 4.36 -6.57 14.75
C PHE A 124 4.80 -8.04 14.67
N GLN A 125 5.69 -8.46 15.55
CA GLN A 125 6.12 -9.87 15.59
C GLN A 125 4.99 -10.83 16.00
N ARG A 126 3.91 -10.30 16.57
CA ARG A 126 2.84 -11.18 17.06
C ARG A 126 2.03 -11.78 15.92
N PHE A 127 2.01 -11.10 14.80
CA PHE A 127 1.14 -11.44 13.69
C PHE A 127 1.78 -12.40 12.68
N GLY A 128 3.10 -12.56 12.74
CA GLY A 128 3.74 -13.55 11.92
C GLY A 128 5.24 -13.44 11.93
N GLU A 129 5.90 -14.33 11.20
CA GLU A 129 7.35 -14.31 11.09
C GLU A 129 7.73 -13.16 10.20
N ILE A 130 8.58 -12.28 10.73
CA ILE A 130 9.06 -11.12 10.01
C ILE A 130 10.27 -11.52 9.21
N VAL A 131 10.27 -11.16 7.93
CA VAL A 131 11.40 -11.45 7.05
C VAL A 131 12.39 -10.29 7.12
N ASP A 132 11.87 -9.07 7.01
CA ASP A 132 12.71 -7.88 7.06
C ASP A 132 11.83 -6.67 7.41
N ILE A 133 12.47 -5.60 7.86
CA ILE A 133 11.77 -4.37 8.22
C ILE A 133 12.66 -3.29 7.63
N ASP A 134 12.05 -2.30 7.00
CA ASP A 134 12.81 -1.22 6.39
C ASP A 134 12.10 0.06 6.75
N ILE A 135 12.74 0.90 7.55
CA ILE A 135 12.19 2.19 7.93
C ILE A 135 12.69 3.20 6.93
N LYS A 136 11.79 4.00 6.38
CA LYS A 136 12.19 4.96 5.36
C LYS A 136 11.99 6.39 5.82
N LYS A 137 12.89 7.25 5.39
CA LYS A 137 12.82 8.65 5.74
C LYS A 137 12.13 9.43 4.62
N VAL A 138 11.25 10.35 5.01
CA VAL A 138 10.64 11.29 4.09
C VAL A 138 11.22 12.67 4.42
N ASN A 139 11.86 13.30 3.43
CA ASN A 139 12.51 14.59 3.62
C ASN A 139 13.56 14.62 4.74
N GLY A 140 14.07 13.45 5.11
CA GLY A 140 15.19 13.37 6.03
C GLY A 140 14.94 12.63 7.33
N VAL A 141 13.67 12.50 7.70
CA VAL A 141 13.32 11.88 8.99
C VAL A 141 12.37 10.69 8.79
N PRO A 142 12.47 9.66 9.65
CA PRO A 142 11.63 8.46 9.53
C PRO A 142 10.16 8.83 9.42
N GLN A 143 9.45 8.22 8.48
CA GLN A 143 8.05 8.55 8.26
C GLN A 143 7.20 7.32 8.03
N TYR A 144 7.77 6.31 7.39
CA TYR A 144 7.03 5.08 7.18
C TYR A 144 7.99 3.91 7.10
N ALA A 145 7.44 2.71 7.04
CA ALA A 145 8.27 1.52 6.99
C ALA A 145 7.61 0.45 6.15
N PHE A 146 8.42 -0.41 5.56
CA PHE A 146 7.93 -1.65 4.96
C PHE A 146 8.33 -2.80 5.85
N LEU A 147 7.34 -3.58 6.25
CA LEU A 147 7.60 -4.72 7.08
C LEU A 147 7.14 -5.96 6.31
N GLN A 148 8.08 -6.85 5.98
CA GLN A 148 7.71 -8.00 5.20
C GLN A 148 7.52 -9.27 6.05
N TYR A 149 6.36 -9.91 5.93
CA TYR A 149 6.11 -11.21 6.55
C TYR A 149 6.34 -12.37 5.59
N CYS A 150 6.26 -13.60 6.12
CA CYS A 150 6.46 -14.78 5.32
C CYS A 150 5.23 -15.07 4.47
N ASP A 151 4.07 -14.61 4.91
CA ASP A 151 2.86 -14.85 4.13
C ASP A 151 1.92 -13.64 4.13
N ILE A 152 0.77 -13.77 3.47
CA ILE A 152 -0.15 -12.65 3.33
C ILE A 152 -1.08 -12.55 4.54
N ALA A 153 -1.44 -13.70 5.09
CA ALA A 153 -2.34 -13.75 6.25
C ALA A 153 -1.84 -12.84 7.38
N SER A 154 -0.53 -12.86 7.59
CA SER A 154 0.08 -12.08 8.65
C SER A 154 -0.12 -10.57 8.48
N VAL A 155 0.03 -10.09 7.25
CA VAL A 155 -0.25 -8.67 6.97
C VAL A 155 -1.70 -8.31 7.26
N CYS A 156 -2.63 -9.17 6.85
CA CYS A 156 -4.05 -8.91 7.08
C CYS A 156 -4.37 -8.82 8.56
N LYS A 157 -3.80 -9.74 9.34
CA LYS A 157 -4.04 -9.75 10.78
C LYS A 157 -3.45 -8.52 11.44
N ALA A 158 -2.28 -8.10 10.99
CA ALA A 158 -1.60 -6.92 11.56
C ALA A 158 -2.42 -5.66 11.31
N ILE A 159 -2.95 -5.56 10.10
CA ILE A 159 -3.79 -4.42 9.72
C ILE A 159 -5.05 -4.38 10.58
N LYS A 160 -5.72 -5.52 10.70
CA LYS A 160 -6.95 -5.59 11.47
C LYS A 160 -6.77 -5.18 12.93
N LYS A 161 -5.71 -5.68 13.55
CA LYS A 161 -5.50 -5.44 14.97
C LYS A 161 -4.91 -4.05 15.25
N MET A 162 -3.97 -3.60 14.42
CA MET A 162 -3.15 -2.44 14.80
C MET A 162 -3.45 -1.13 14.05
N ASP A 163 -4.27 -1.19 13.01
CA ASP A 163 -4.52 0.03 12.22
C ASP A 163 -5.20 1.07 13.10
N GLY A 164 -4.63 2.27 13.14
CA GLY A 164 -5.25 3.36 13.90
C GLY A 164 -4.85 3.38 15.36
N GLU A 165 -4.07 2.37 15.79
CA GLU A 165 -3.56 2.34 17.15
C GLU A 165 -2.36 3.25 17.25
N TYR A 166 -2.17 3.87 18.41
CA TYR A 166 -1.06 4.79 18.55
C TYR A 166 0.26 4.06 18.75
N LEU A 167 1.31 4.62 18.18
CA LEU A 167 2.66 4.21 18.48
C LEU A 167 3.34 5.51 18.83
N GLY A 168 3.64 5.71 20.09
CA GLY A 168 4.05 7.03 20.55
C GLY A 168 2.85 7.94 20.37
N ASN A 169 3.07 9.12 19.81
CA ASN A 169 1.99 10.09 19.68
C ASN A 169 1.19 9.99 18.39
N ASN A 170 1.51 9.00 17.57
CA ASN A 170 0.96 8.92 16.21
C ASN A 170 0.09 7.70 15.98
N ARG A 171 -1.06 7.88 15.35
CA ARG A 171 -1.87 6.75 14.93
C ARG A 171 -1.24 6.04 13.75
N LEU A 172 -1.08 4.73 13.86
CA LEU A 172 -0.50 3.97 12.75
C LEU A 172 -1.44 3.95 11.55
N LYS A 173 -0.90 4.22 10.35
CA LYS A 173 -1.69 4.10 9.13
C LYS A 173 -1.19 2.89 8.38
N LEU A 174 -1.88 1.78 8.57
CA LEU A 174 -1.38 0.50 8.05
C LEU A 174 -2.08 0.15 6.76
N GLY A 175 -1.38 -0.60 5.91
CA GLY A 175 -1.99 -1.08 4.70
C GLY A 175 -1.10 -2.09 4.00
N PHE A 176 -1.56 -2.59 2.85
CA PHE A 176 -0.71 -3.45 2.04
C PHE A 176 0.33 -2.57 1.39
N GLY A 177 1.59 -2.95 1.50
CA GLY A 177 2.62 -2.23 0.79
C GLY A 177 2.80 -2.87 -0.58
N LYS A 178 3.15 -2.11 -1.60
CA LYS A 178 3.54 -2.73 -2.87
C LYS A 178 4.86 -3.47 -2.62
N SER A 179 5.07 -4.60 -3.29
CA SER A 179 6.35 -5.29 -3.17
C SER A 179 7.21 -4.93 -4.37
N MET A 180 8.51 -4.82 -4.16
CA MET A 180 9.41 -4.55 -5.27
C MET A 180 9.45 -5.76 -6.18
N PRO A 181 9.35 -5.54 -7.49
CA PRO A 181 9.42 -6.64 -8.46
C PRO A 181 10.76 -7.36 -8.36
N THR A 182 10.73 -8.68 -8.44
CA THR A 182 11.97 -9.49 -8.54
C THR A 182 11.79 -10.57 -9.60
N ASN A 183 12.81 -11.38 -9.85
CA ASN A 183 12.65 -12.46 -10.83
C ASN A 183 12.12 -13.76 -10.21
N CYS A 184 11.55 -13.67 -9.02
CA CYS A 184 11.14 -14.87 -8.30
C CYS A 184 9.74 -14.72 -7.79
N VAL A 185 8.90 -15.68 -8.15
CA VAL A 185 7.50 -15.66 -7.78
C VAL A 185 7.33 -16.53 -6.53
N TRP A 186 6.46 -16.12 -5.62
CA TRP A 186 6.16 -16.90 -4.42
C TRP A 186 4.70 -17.29 -4.50
N LEU A 187 4.39 -18.54 -4.23
CA LEU A 187 3.02 -19.04 -4.28
C LEU A 187 2.66 -19.64 -2.94
N ASP A 188 1.41 -19.48 -2.53
CA ASP A 188 0.97 -20.07 -1.29
C ASP A 188 -0.43 -20.63 -1.49
N GLY A 189 -0.70 -21.77 -0.86
CA GLY A 189 -2.01 -22.39 -0.88
C GLY A 189 -2.10 -23.61 -1.77
N LEU A 190 -0.96 -24.19 -2.09
CA LEU A 190 -0.89 -25.33 -3.00
C LEU A 190 -1.14 -26.64 -2.23
N SER A 191 -2.03 -27.48 -2.75
CA SER A 191 -2.21 -28.80 -2.15
C SER A 191 -0.95 -29.64 -2.33
N SER A 192 -0.75 -30.59 -1.42
CA SER A 192 0.46 -31.42 -1.44
C SER A 192 0.49 -32.37 -2.62
N ASN A 193 -0.67 -32.64 -3.23
CA ASN A 193 -0.69 -33.49 -4.41
C ASN A 193 -0.24 -32.81 -5.71
N VAL A 194 -0.10 -31.48 -5.71
CA VAL A 194 0.37 -30.76 -6.89
C VAL A 194 1.77 -31.20 -7.26
N SER A 195 2.02 -31.47 -8.54
CA SER A 195 3.35 -31.96 -8.94
C SER A 195 4.27 -30.83 -9.40
N ASP A 196 5.58 -31.07 -9.30
CA ASP A 196 6.57 -30.10 -9.78
C ASP A 196 6.48 -29.97 -11.28
N GLN A 197 6.10 -31.06 -11.93
CA GLN A 197 5.95 -31.12 -13.37
C GLN A 197 4.92 -30.06 -13.80
N TYR A 198 3.79 -30.06 -13.10
CA TYR A 198 2.69 -29.15 -13.41
C TYR A 198 3.11 -27.69 -13.24
N LEU A 199 3.78 -27.41 -12.13
CA LEU A 199 4.18 -26.04 -11.79
C LEU A 199 5.14 -25.51 -12.82
N THR A 200 6.14 -26.34 -13.17
CA THR A 200 7.11 -25.97 -14.20
C THR A 200 6.42 -25.73 -15.54
N ARG A 201 5.59 -26.67 -15.96
CA ARG A 201 4.94 -26.52 -17.25
C ARG A 201 3.97 -25.33 -17.23
N HIS A 202 3.23 -25.16 -16.13
CA HIS A 202 2.29 -24.05 -16.10
C HIS A 202 3.00 -22.70 -16.19
N PHE A 203 4.03 -22.51 -15.38
CA PHE A 203 4.68 -21.21 -15.29
C PHE A 203 5.64 -20.91 -16.42
N CYS A 204 5.91 -21.92 -17.25
CA CYS A 204 6.67 -21.71 -18.46
C CYS A 204 5.97 -20.81 -19.46
N ARG A 205 4.66 -20.63 -19.31
CA ARG A 205 3.93 -19.75 -20.24
C ARG A 205 4.40 -18.30 -20.10
N TYR A 206 5.00 -17.97 -18.96
CA TYR A 206 5.45 -16.59 -18.74
C TYR A 206 6.91 -16.39 -19.11
N GLY A 207 7.61 -17.50 -19.35
CA GLY A 207 9.01 -17.46 -19.69
C GLY A 207 9.63 -18.75 -19.19
N PRO A 208 10.89 -19.03 -19.60
CA PRO A 208 11.60 -20.24 -19.17
C PRO A 208 11.79 -20.29 -17.64
N VAL A 209 11.21 -21.29 -16.99
CA VAL A 209 11.34 -21.44 -15.55
C VAL A 209 12.72 -21.98 -15.22
N VAL A 210 13.50 -21.23 -14.44
CA VAL A 210 14.84 -21.68 -14.07
C VAL A 210 14.73 -22.88 -13.13
N LYS A 211 13.85 -22.74 -12.14
CA LYS A 211 13.55 -23.85 -11.24
C LYS A 211 12.30 -23.56 -10.42
N VAL A 212 11.75 -24.62 -9.84
CA VAL A 212 10.68 -24.46 -8.90
C VAL A 212 11.17 -25.04 -7.59
N VAL A 213 10.87 -24.38 -6.47
CA VAL A 213 11.23 -24.92 -5.17
C VAL A 213 9.94 -25.05 -4.40
N PHE A 214 9.50 -26.28 -4.17
CA PHE A 214 8.19 -26.53 -3.58
C PHE A 214 8.35 -27.01 -2.13
N ASP A 215 7.91 -26.21 -1.16
CA ASP A 215 7.82 -26.64 0.23
C ASP A 215 6.47 -27.32 0.39
N ARG A 216 6.47 -28.64 0.37
CA ARG A 216 5.23 -29.42 0.37
C ARG A 216 4.63 -29.59 1.75
N LEU A 217 5.38 -29.27 2.78
CA LEU A 217 4.83 -29.28 4.15
C LEU A 217 4.03 -28.01 4.41
N LYS A 218 4.41 -26.93 3.73
CA LYS A 218 3.76 -25.64 3.94
C LYS A 218 2.81 -25.28 2.81
N GLY A 219 2.90 -25.99 1.68
CA GLY A 219 2.08 -25.67 0.53
C GLY A 219 2.48 -24.38 -0.18
N MET A 220 3.79 -24.08 -0.19
CA MET A 220 4.31 -22.86 -0.81
C MET A 220 5.42 -23.22 -1.77
N ALA A 221 5.64 -22.37 -2.76
CA ALA A 221 6.67 -22.62 -3.76
C ALA A 221 7.33 -21.35 -4.23
N LEU A 222 8.61 -21.44 -4.57
CA LEU A 222 9.23 -20.39 -5.36
C LEU A 222 9.24 -20.84 -6.83
N VAL A 223 8.92 -19.93 -7.73
CA VAL A 223 9.09 -20.17 -9.16
C VAL A 223 10.05 -19.11 -9.63
N LEU A 224 11.22 -19.55 -10.05
CA LEU A 224 12.30 -18.64 -10.32
C LEU A 224 12.51 -18.47 -11.83
N TYR A 225 12.64 -17.22 -12.26
CA TYR A 225 12.92 -16.87 -13.66
C TYR A 225 14.23 -16.12 -13.80
N ASN A 226 14.70 -16.01 -15.04
CA ASN A 226 15.92 -15.27 -15.31
C ASN A 226 15.63 -13.80 -15.64
N GLU A 227 14.36 -13.46 -15.81
CA GLU A 227 13.97 -12.09 -16.14
C GLU A 227 12.91 -11.59 -15.16
N ILE A 228 13.12 -10.38 -14.62
CA ILE A 228 12.10 -9.75 -13.78
C ILE A 228 10.77 -9.63 -14.51
N GLU A 229 10.80 -9.34 -15.81
CA GLU A 229 9.60 -9.19 -16.60
C GLU A 229 8.70 -10.43 -16.64
N TYR A 230 9.32 -11.60 -16.73
CA TYR A 230 8.56 -12.85 -16.71
C TYR A 230 7.87 -13.01 -15.37
N ALA A 231 8.61 -12.80 -14.28
CA ALA A 231 8.03 -12.89 -12.94
C ALA A 231 6.91 -11.87 -12.77
N GLN A 232 7.07 -10.70 -13.35
CA GLN A 232 6.04 -9.67 -13.26
C GLN A 232 4.78 -10.14 -13.97
N ALA A 233 4.93 -10.68 -15.18
CA ALA A 233 3.79 -11.22 -15.91
C ALA A 233 3.12 -12.37 -15.15
N ALA A 234 3.93 -13.27 -14.59
CA ALA A 234 3.43 -14.40 -13.81
C ALA A 234 2.63 -13.93 -12.61
N VAL A 235 3.20 -13.01 -11.85
CA VAL A 235 2.48 -12.41 -10.71
C VAL A 235 1.17 -11.77 -11.15
N LYS A 236 1.22 -10.91 -12.16
CA LYS A 236 0.03 -10.18 -12.57
C LYS A 236 -1.07 -11.12 -13.08
N GLU A 237 -0.68 -12.09 -13.89
CA GLU A 237 -1.67 -12.99 -14.49
C GLU A 237 -2.18 -14.07 -13.52
N THR A 238 -1.38 -14.40 -12.51
CA THR A 238 -1.76 -15.42 -11.52
C THR A 238 -2.68 -14.87 -10.41
N LYS A 239 -2.57 -13.58 -10.11
CA LYS A 239 -3.28 -12.98 -8.98
C LYS A 239 -4.77 -13.34 -8.83
N GLY A 240 -5.54 -13.27 -9.88
CA GLY A 240 -6.94 -13.62 -9.71
C GLY A 240 -7.27 -15.10 -9.56
N ARG A 241 -6.31 -15.98 -9.81
CA ARG A 241 -6.64 -17.29 -10.37
C ARG A 241 -6.36 -18.55 -9.54
N LYS A 242 -6.80 -19.68 -10.08
CA LYS A 242 -6.60 -20.96 -9.42
C LYS A 242 -5.35 -21.63 -9.99
N ILE A 243 -4.52 -22.17 -9.11
CA ILE A 243 -3.36 -22.94 -9.51
C ILE A 243 -3.57 -24.29 -8.85
N GLY A 244 -3.53 -25.33 -9.67
CA GLY A 244 -4.37 -26.49 -9.49
C GLY A 244 -4.55 -27.17 -8.17
N GLY A 245 -5.79 -27.24 -7.70
CA GLY A 245 -6.91 -26.57 -8.31
C GLY A 245 -7.54 -25.76 -7.19
N ASN A 246 -6.76 -24.83 -6.65
CA ASN A 246 -7.17 -23.96 -5.55
C ASN A 246 -6.88 -22.51 -5.88
N LYS A 247 -7.70 -21.60 -5.35
CA LYS A 247 -7.35 -20.18 -5.35
C LYS A 247 -6.01 -20.01 -4.66
N ILE A 248 -5.11 -19.31 -5.31
CA ILE A 248 -3.74 -19.22 -4.87
C ILE A 248 -3.44 -17.80 -4.35
N LYS A 249 -2.47 -17.67 -3.46
CA LYS A 249 -1.92 -16.36 -3.08
C LYS A 249 -0.58 -16.23 -3.77
N VAL A 250 -0.23 -15.04 -4.22
CA VAL A 250 0.98 -14.93 -5.04
C VAL A 250 1.62 -13.59 -4.79
N ASP A 251 2.94 -13.57 -4.76
CA ASP A 251 3.67 -12.31 -4.58
C ASP A 251 5.06 -12.52 -5.18
N PHE A 252 5.86 -11.47 -5.17
CA PHE A 252 7.27 -11.60 -5.50
C PHE A 252 8.03 -12.08 -4.28
N ALA A 253 9.20 -12.68 -4.50
CA ALA A 253 10.07 -13.02 -3.39
C ALA A 253 11.42 -12.36 -3.63
N ASN A 254 11.85 -11.48 -2.73
CA ASN A 254 13.15 -10.87 -2.86
C ASN A 254 14.18 -11.80 -2.24
N ARG A 255 15.43 -11.33 -2.16
CA ARG A 255 16.52 -12.18 -1.71
C ARG A 255 16.35 -12.64 -0.28
N GLU A 256 15.95 -11.73 0.60
CA GLU A 256 15.77 -12.08 2.00
C GLU A 256 14.63 -13.08 2.17
N SER A 257 13.57 -12.89 1.40
CA SER A 257 12.46 -13.80 1.41
C SER A 257 12.85 -15.20 0.90
N GLN A 258 13.68 -15.26 -0.14
CA GLN A 258 14.13 -16.56 -0.66
C GLN A 258 14.97 -17.28 0.38
N LEU A 259 15.91 -16.55 1.00
CA LEU A 259 16.77 -17.14 2.02
C LEU A 259 15.97 -17.74 3.18
N ALA A 260 14.94 -17.02 3.63
CA ALA A 260 14.07 -17.51 4.70
C ALA A 260 13.35 -18.79 4.24
N PHE A 261 12.95 -18.78 2.97
CA PHE A 261 12.23 -19.91 2.41
C PHE A 261 13.14 -21.13 2.40
N TYR A 262 14.38 -20.95 1.94
CA TYR A 262 15.32 -22.06 1.86
C TYR A 262 15.65 -22.61 3.23
N HIS A 263 15.88 -21.72 4.19
CA HIS A 263 16.21 -22.14 5.55
C HIS A 263 15.08 -22.98 6.10
N CYS A 264 13.87 -22.54 5.86
CA CYS A 264 12.72 -23.27 6.36
C CYS A 264 12.65 -24.69 5.77
N MET A 265 12.93 -24.82 4.47
CA MET A 265 12.94 -26.16 3.91
C MET A 265 14.05 -27.04 4.49
N GLU A 266 15.22 -26.45 4.72
CA GLU A 266 16.35 -27.19 5.32
C GLU A 266 16.00 -27.70 6.71
N LYS A 267 15.43 -26.80 7.51
CA LYS A 267 15.03 -27.12 8.89
C LYS A 267 14.04 -28.28 8.88
N SER A 268 13.15 -28.31 7.89
CA SER A 268 12.19 -29.40 7.80
C SER A 268 12.72 -30.65 7.05
N GLY A 269 13.98 -30.65 6.66
CA GLY A 269 14.55 -31.81 6.00
C GLY A 269 14.13 -31.97 4.54
N GLN A 270 13.74 -30.89 3.89
CA GLN A 270 13.40 -30.97 2.48
C GLN A 270 14.60 -30.50 1.63
N ASP A 271 14.96 -31.31 0.65
CA ASP A 271 16.13 -31.07 -0.18
C ASP A 271 15.97 -29.80 -1.05
N ILE A 272 16.97 -28.92 -1.02
CA ILE A 272 16.95 -27.72 -1.86
C ILE A 272 18.12 -27.67 -2.85
N ARG A 273 18.87 -28.76 -2.98
CA ARG A 273 20.00 -28.77 -3.93
C ARG A 273 19.47 -28.74 -5.36
N ASP A 274 20.14 -28.01 -6.25
CA ASP A 274 19.65 -27.89 -7.64
C ASP A 274 20.70 -28.26 -8.70
N PHE A 275 20.27 -28.89 -9.78
CA PHE A 275 21.17 -29.44 -10.82
C PHE A 275 22.06 -28.37 -11.43
N TYR A 276 21.46 -27.37 -12.07
CA TYR A 276 22.23 -26.30 -12.69
C TYR A 276 23.15 -25.56 -11.71
N GLU A 277 22.76 -25.48 -10.45
CA GLU A 277 23.61 -24.82 -9.46
C GLU A 277 24.88 -25.59 -9.10
N MET A 278 24.78 -26.92 -9.06
CA MET A 278 25.94 -27.76 -8.80
C MET A 278 26.89 -27.75 -9.99
N LEU A 279 26.33 -27.70 -11.19
CA LEU A 279 27.14 -27.62 -12.39
C LEU A 279 28.01 -26.36 -12.36
N ALA A 280 27.42 -25.27 -11.88
CA ALA A 280 28.13 -23.99 -11.75
C ALA A 280 29.29 -24.08 -10.77
N GLU A 281 29.04 -24.73 -9.64
CA GLU A 281 30.06 -24.90 -8.61
C GLU A 281 31.20 -25.75 -9.14
N ARG A 282 30.85 -26.75 -9.94
CA ARG A 282 31.84 -27.56 -10.62
C ARG A 282 32.71 -26.68 -11.53
N ARG A 283 32.07 -25.75 -12.21
CA ARG A 283 32.75 -24.86 -13.18
C ARG A 283 33.80 -24.02 -12.48
N GLU A 284 33.41 -23.39 -11.38
CA GLU A 284 34.32 -22.54 -10.60
C GLU A 284 35.59 -23.24 -10.14
N GLU A 285 35.45 -24.45 -9.62
CA GLU A 285 36.59 -25.18 -9.09
C GLU A 285 37.60 -25.61 -10.15
N ARG A 286 37.28 -25.35 -11.42
CA ARG A 286 38.16 -25.65 -12.53
C ARG A 286 38.96 -24.42 -12.95
S SO4 B . -23.24 39.85 -8.39
O1 SO4 B . -24.29 40.01 -9.40
O2 SO4 B . -22.76 38.48 -8.42
O3 SO4 B . -22.13 40.75 -8.68
O4 SO4 B . -23.79 40.17 -7.07
#